data_6XSV
#
_entry.id   6XSV
#
_cell.length_a   63.126
_cell.length_b   63.126
_cell.length_c   265.812
_cell.angle_alpha   90.000
_cell.angle_beta   90.000
_cell.angle_gamma   90.000
#
_symmetry.space_group_name_H-M   'P 41 21 2'
#
loop_
_entity.id
_entity.type
_entity.pdbx_description
1 polymer Alpha-amylase
2 non-polymer 2-acetamido-2-deoxy-beta-D-glucopyranose
3 non-polymer 'PALMITIC ACID'
4 non-polymer alpha-D-mannopyranose
5 non-polymer '2-(N-MORPHOLINO)-ETHANESULFONIC ACID'
6 non-polymer 'CALCIUM ION'
7 water water
#
_entity_poly.entity_id   1
_entity_poly.type   'polypeptide(L)'
_entity_poly.pdbx_seq_one_letter_code
;MMVAWWSLFLYGLQVAAPALAATPADWRSQSIYFLLTDRFARTDGSTTATCNTADQKYCGGTWQGIIDKLDYIQGMGFTA
IWITPVTAQLPQTTAYGDAYHGYWQQDIYSLNENYGTADDLKALSSALHERGMYLMVDVVANHMGYDGAGSSVDYSVFKP
FSSQDYFHPFCLIQNYEDQTQVEDCWLGDNTVSLPDLDTTKDVVKNEWYDWVGSLVSNYSIDGLRIDTVKHVQKDFWPGY
NKAAGVYCIGEVLDGDPAYTCPYQNVMDGVLNYPIYYPLLNAFKSTSGSMDDLYNMINTVKSDCPDSTLLGTFVENHDNP
RFASYTNDIALAKNVAAFIILNDGIPIIYAGQEQHYAGGNDPANREATWLSGYPTDSELYKLIASANAIRNYAISKDTGF
VTYKNWPIYKDDTTIAMRKGTDGSQIVTILSNKGASGDSYTLSLSGAGYTAGQQLTEVIGCTTVTVGSDGNVPVPMAGGL
PRVLYPTEKLAGSKICSSS
;
_entity_poly.pdbx_strand_id   A
#
# COMPACT_ATOMS: atom_id res chain seq x y z
N ALA A 22 -15.35 7.92 -1.75
CA ALA A 22 -15.71 7.22 -0.49
C ALA A 22 -15.00 7.84 0.68
N THR A 23 -15.60 7.77 1.86
CA THR A 23 -15.13 8.48 3.04
C THR A 23 -14.04 7.70 3.74
N PRO A 24 -13.34 8.34 4.66
CA PRO A 24 -12.37 7.59 5.46
C PRO A 24 -13.00 6.37 6.12
N ALA A 25 -14.21 6.53 6.66
CA ALA A 25 -14.90 5.43 7.33
C ALA A 25 -15.19 4.30 6.36
N ASP A 26 -15.57 4.64 5.12
CA ASP A 26 -15.76 3.64 4.09
C ASP A 26 -14.46 2.88 3.82
N TRP A 27 -13.32 3.57 3.87
CA TRP A 27 -12.06 2.95 3.45
C TRP A 27 -11.46 2.04 4.51
N ARG A 28 -11.86 2.17 5.78
CA ARG A 28 -11.23 1.37 6.82
C ARG A 28 -11.27 -0.12 6.49
N SER A 29 -12.36 -0.57 5.91
CA SER A 29 -12.56 -1.99 5.64
C SER A 29 -11.91 -2.45 4.34
N GLN A 30 -11.22 -1.57 3.60
CA GLN A 30 -10.75 -1.96 2.31
C GLN A 30 -9.39 -2.68 2.41
N SER A 31 -9.04 -3.34 1.34
CA SER A 31 -7.74 -3.99 1.18
C SER A 31 -7.24 -3.67 -0.21
N ILE A 32 -6.03 -3.10 -0.32
CA ILE A 32 -5.59 -2.48 -1.57
C ILE A 32 -4.51 -3.32 -2.23
N TYR A 33 -4.67 -3.54 -3.53
CA TYR A 33 -3.67 -4.05 -4.43
C TYR A 33 -3.11 -2.86 -5.21
N PHE A 34 -1.85 -2.52 -4.93
CA PHE A 34 -1.17 -1.42 -5.56
C PHE A 34 -0.44 -1.91 -6.80
N LEU A 35 -0.63 -1.21 -7.91
CA LEU A 35 0.01 -1.62 -9.15
C LEU A 35 0.51 -0.43 -9.95
N LEU A 36 1.57 -0.70 -10.75
CA LEU A 36 2.03 0.24 -11.76
C LEU A 36 1.25 0.01 -13.06
N THR A 37 0.53 1.02 -13.53
CA THR A 37 -0.24 0.85 -14.75
C THR A 37 0.59 0.34 -15.90
N ASP A 38 1.80 0.86 -16.06
CA ASP A 38 2.62 0.43 -17.18
C ASP A 38 3.07 -1.02 -17.07
N ARG A 39 3.05 -1.59 -15.88
CA ARG A 39 3.70 -2.88 -15.60
C ARG A 39 2.75 -3.99 -15.18
N PHE A 40 1.45 -3.71 -15.03
CA PHE A 40 0.58 -4.76 -14.54
C PHE A 40 -0.03 -5.61 -15.66
N ALA A 41 -0.67 -4.98 -16.66
CA ALA A 41 -1.34 -5.78 -17.68
C ALA A 41 -1.48 -5.00 -18.98
N ARG A 42 -1.11 -5.64 -20.09
CA ARG A 42 -1.27 -5.07 -21.43
C ARG A 42 -2.67 -5.31 -22.00
N THR A 43 -3.07 -4.44 -22.93
CA THR A 43 -4.35 -4.60 -23.58
C THR A 43 -4.43 -5.95 -24.28
N ASP A 44 -3.38 -6.33 -24.99
CA ASP A 44 -3.40 -7.60 -25.71
C ASP A 44 -3.32 -8.81 -24.80
N GLY A 45 -3.19 -8.63 -23.48
CA GLY A 45 -3.20 -9.75 -22.55
C GLY A 45 -1.99 -10.63 -22.59
N SER A 46 -0.95 -10.23 -23.31
CA SER A 46 0.25 -11.04 -23.39
C SER A 46 0.84 -11.31 -22.01
N THR A 47 1.31 -12.55 -21.81
CA THR A 47 2.09 -12.90 -20.64
C THR A 47 3.57 -13.07 -20.97
N THR A 48 3.98 -12.74 -22.20
CA THR A 48 5.37 -12.94 -22.64
C THR A 48 6.03 -11.68 -23.15
N ALA A 49 5.27 -10.63 -23.42
CA ALA A 49 5.83 -9.36 -23.89
C ALA A 49 6.97 -8.91 -23.00
N THR A 50 8.09 -8.58 -23.65
CA THR A 50 9.31 -8.20 -22.95
C THR A 50 9.12 -6.96 -22.08
N CYS A 51 9.75 -7.00 -20.90
CA CYS A 51 9.82 -5.83 -20.03
C CYS A 51 11.08 -6.01 -19.19
N ASN A 52 12.17 -5.42 -19.67
CA ASN A 52 13.43 -5.42 -18.95
C ASN A 52 13.46 -4.16 -18.09
N THR A 53 13.45 -4.34 -16.76
CA THR A 53 13.38 -3.18 -15.87
C THR A 53 14.51 -2.21 -16.11
N ALA A 54 15.71 -2.70 -16.47
CA ALA A 54 16.86 -1.82 -16.64
C ALA A 54 16.66 -0.84 -17.79
N ASP A 55 15.81 -1.17 -18.77
CA ASP A 55 15.58 -0.26 -19.89
C ASP A 55 14.86 1.01 -19.43
N GLN A 56 14.06 0.91 -18.37
CA GLN A 56 13.29 2.04 -17.83
C GLN A 56 12.43 2.70 -18.89
N LYS A 57 11.81 1.87 -19.74
CA LYS A 57 10.91 2.33 -20.77
C LYS A 57 9.50 1.84 -20.56
N TYR A 58 8.56 2.50 -21.23
CA TYR A 58 7.20 2.02 -21.24
C TYR A 58 7.19 0.60 -21.75
N CYS A 59 6.63 -0.30 -20.94
CA CYS A 59 6.47 -1.69 -21.32
C CYS A 59 5.09 -2.01 -21.89
N GLY A 60 4.12 -1.10 -21.77
CA GLY A 60 2.83 -1.22 -22.45
C GLY A 60 1.61 -1.55 -21.62
N GLY A 61 1.69 -1.52 -20.30
CA GLY A 61 0.50 -1.78 -19.49
C GLY A 61 -0.53 -0.68 -19.67
N THR A 62 -1.79 -1.06 -19.58
CA THR A 62 -2.86 -0.10 -19.84
C THR A 62 -3.99 -0.26 -18.84
N TRP A 63 -4.86 0.74 -18.82
CA TRP A 63 -6.06 0.65 -17.99
C TRP A 63 -6.97 -0.49 -18.46
N GLN A 64 -7.10 -0.68 -19.78
CA GLN A 64 -7.91 -1.79 -20.27
C GLN A 64 -7.34 -3.13 -19.82
N GLY A 65 -6.01 -3.27 -19.86
CA GLY A 65 -5.39 -4.48 -19.33
C GLY A 65 -5.79 -4.78 -17.90
N ILE A 66 -5.83 -3.75 -17.05
CA ILE A 66 -6.26 -3.97 -15.67
C ILE A 66 -7.66 -4.55 -15.64
N ILE A 67 -8.58 -3.95 -16.40
CA ILE A 67 -9.97 -4.42 -16.43
C ILE A 67 -10.01 -5.93 -16.64
N ASP A 68 -9.25 -6.40 -17.64
CA ASP A 68 -9.27 -7.81 -18.02
C ASP A 68 -8.63 -8.73 -17.00
N LYS A 69 -7.91 -8.21 -16.00
CA LYS A 69 -7.35 -9.05 -14.95
C LYS A 69 -7.98 -8.78 -13.59
N LEU A 70 -9.16 -8.16 -13.56
CA LEU A 70 -9.80 -7.89 -12.28
C LEU A 70 -10.17 -9.17 -11.54
N ASP A 71 -10.46 -10.27 -12.26
CA ASP A 71 -10.73 -11.54 -11.59
C ASP A 71 -9.51 -12.00 -10.80
N TYR A 72 -8.31 -11.90 -11.40
CA TYR A 72 -7.08 -12.26 -10.72
C TYR A 72 -6.90 -11.47 -9.43
N ILE A 73 -7.13 -10.15 -9.49
CA ILE A 73 -6.96 -9.31 -8.31
C ILE A 73 -8.03 -9.65 -7.27
N GLN A 74 -9.29 -9.67 -7.69
CA GLN A 74 -10.37 -9.93 -6.75
C GLN A 74 -10.29 -11.32 -6.16
N GLY A 75 -9.68 -12.27 -6.89
CA GLY A 75 -9.48 -13.62 -6.38
C GLY A 75 -8.59 -13.72 -5.17
N MET A 76 -7.80 -12.67 -4.87
CA MET A 76 -7.04 -12.62 -3.65
C MET A 76 -7.77 -11.93 -2.51
N GLY A 77 -8.98 -11.44 -2.75
CA GLY A 77 -9.75 -10.84 -1.69
C GLY A 77 -9.51 -9.37 -1.53
N PHE A 78 -8.84 -8.74 -2.50
CA PHE A 78 -8.70 -7.29 -2.46
C PHE A 78 -10.03 -6.66 -2.83
N THR A 79 -10.27 -5.50 -2.26
CA THR A 79 -11.48 -4.76 -2.47
C THR A 79 -11.25 -3.47 -3.23
N ALA A 80 -10.00 -3.16 -3.57
CA ALA A 80 -9.64 -1.86 -4.13
C ALA A 80 -8.28 -2.00 -4.82
N ILE A 81 -8.03 -1.15 -5.80
CA ILE A 81 -6.72 -0.99 -6.39
C ILE A 81 -6.24 0.44 -6.22
N TRP A 82 -4.94 0.60 -6.12
CA TRP A 82 -4.27 1.88 -6.24
C TRP A 82 -3.42 1.83 -7.50
N ILE A 83 -3.68 2.75 -8.45
CA ILE A 83 -2.92 2.84 -9.69
C ILE A 83 -2.05 4.09 -9.66
N THR A 84 -0.98 4.04 -10.43
CA THR A 84 0.00 5.12 -10.44
C THR A 84 -0.55 6.31 -11.22
N PRO A 85 0.11 7.47 -11.17
CA PRO A 85 -0.55 8.69 -11.65
C PRO A 85 -0.99 8.62 -13.11
N VAL A 86 -2.02 9.42 -13.43
CA VAL A 86 -2.70 9.30 -14.72
C VAL A 86 -2.45 10.49 -15.64
N THR A 87 -1.83 11.55 -15.15
CA THR A 87 -1.62 12.75 -15.94
C THR A 87 -0.55 12.55 -17.00
N ALA A 88 -0.61 13.42 -18.02
CA ALA A 88 0.36 13.37 -19.09
C ALA A 88 1.71 13.82 -18.61
N GLN A 89 2.73 13.13 -19.11
CA GLN A 89 4.09 13.19 -18.58
C GLN A 89 5.01 13.88 -19.57
N LEU A 90 6.23 14.15 -19.10
CA LEU A 90 7.27 14.57 -20.05
C LEU A 90 7.43 13.48 -21.10
N PRO A 91 7.74 13.86 -22.35
CA PRO A 91 7.72 12.86 -23.44
C PRO A 91 9.03 12.14 -23.68
N GLN A 92 10.11 12.70 -23.20
CA GLN A 92 11.44 12.21 -23.54
C GLN A 92 11.80 10.89 -22.88
N THR A 93 12.70 10.18 -23.58
CA THR A 93 13.54 9.17 -22.93
C THR A 93 14.72 9.94 -22.33
N THR A 94 14.64 10.21 -21.02
CA THR A 94 15.68 10.90 -20.30
C THR A 94 16.84 9.95 -20.04
N ALA A 95 17.88 10.46 -19.41
CA ALA A 95 18.96 9.59 -18.97
C ALA A 95 18.55 8.62 -17.88
N TYR A 96 17.40 8.84 -17.23
CA TYR A 96 16.81 7.89 -16.26
C TYR A 96 15.60 7.16 -16.85
N GLY A 97 15.44 7.17 -18.17
CA GLY A 97 14.37 6.43 -18.81
C GLY A 97 13.17 7.29 -19.08
N ASP A 98 12.07 6.62 -19.39
CA ASP A 98 10.78 7.23 -19.67
C ASP A 98 10.02 7.46 -18.38
N ALA A 99 8.93 8.24 -18.50
CA ALA A 99 8.01 8.51 -17.40
C ALA A 99 6.98 7.43 -17.23
N TYR A 100 7.37 6.17 -17.36
CA TYR A 100 6.41 5.07 -17.32
C TYR A 100 5.72 4.97 -15.98
N HIS A 101 6.33 5.50 -14.92
CA HIS A 101 5.81 5.40 -13.57
C HIS A 101 4.80 6.48 -13.21
N GLY A 102 4.69 7.56 -14.00
CA GLY A 102 3.70 8.59 -13.80
C GLY A 102 4.07 9.76 -12.88
N TYR A 103 5.32 9.84 -12.36
CA TYR A 103 5.64 10.87 -11.37
C TYR A 103 6.35 12.11 -11.97
N TRP A 104 6.36 12.24 -13.30
CA TRP A 104 7.02 13.34 -13.98
C TRP A 104 6.02 14.07 -14.87
N GLN A 105 4.92 14.55 -14.29
CA GLN A 105 3.84 15.09 -15.10
C GLN A 105 4.21 16.43 -15.70
N GLN A 106 3.51 16.77 -16.80
CA GLN A 106 3.69 18.11 -17.37
C GLN A 106 2.35 18.75 -17.68
N ASP A 107 1.35 17.96 -18.03
CA ASP A 107 0.08 18.47 -18.56
C ASP A 107 -1.02 17.77 -17.75
N ILE A 108 -1.55 18.47 -16.75
CA ILE A 108 -2.45 17.81 -15.81
C ILE A 108 -3.86 17.73 -16.35
N TYR A 109 -4.13 18.34 -17.50
CA TYR A 109 -5.44 18.24 -18.14
C TYR A 109 -5.45 17.34 -19.37
N SER A 110 -4.41 16.52 -19.54
CA SER A 110 -4.40 15.41 -20.48
C SER A 110 -4.06 14.16 -19.68
N LEU A 111 -4.48 13.02 -20.20
CA LEU A 111 -4.06 11.74 -19.63
C LEU A 111 -2.82 11.22 -20.34
N ASN A 112 -2.08 10.37 -19.64
CA ASN A 112 -0.99 9.65 -20.26
C ASN A 112 -1.54 8.67 -21.28
N GLU A 113 -1.35 8.96 -22.57
CA GLU A 113 -2.01 8.14 -23.57
C GLU A 113 -1.38 6.77 -23.71
N ASN A 114 -0.21 6.54 -23.11
CA ASN A 114 0.30 5.18 -23.06
C ASN A 114 -0.69 4.23 -22.40
N TYR A 115 -1.49 4.72 -21.48
CA TYR A 115 -2.36 3.87 -20.67
C TYR A 115 -3.74 3.70 -21.29
N GLY A 116 -4.09 4.54 -22.25
CA GLY A 116 -5.38 4.50 -22.90
C GLY A 116 -5.97 5.89 -22.94
N THR A 117 -7.30 5.93 -23.05
CA THR A 117 -8.07 7.16 -23.18
C THR A 117 -8.89 7.42 -21.93
N ALA A 118 -9.47 8.61 -21.88
CA ALA A 118 -10.38 8.95 -20.80
C ALA A 118 -11.50 7.93 -20.66
N ASP A 119 -12.02 7.42 -21.77
CA ASP A 119 -13.10 6.44 -21.66
C ASP A 119 -12.59 5.16 -21.02
N ASP A 120 -11.34 4.77 -21.35
CA ASP A 120 -10.72 3.61 -20.72
C ASP A 120 -10.63 3.78 -19.19
N LEU A 121 -10.19 4.97 -18.74
CA LEU A 121 -10.07 5.19 -17.30
C LEU A 121 -11.44 5.16 -16.65
N LYS A 122 -12.42 5.79 -17.28
CA LYS A 122 -13.78 5.70 -16.78
C LYS A 122 -14.28 4.26 -16.79
N ALA A 123 -13.94 3.51 -17.83
CA ALA A 123 -14.35 2.11 -17.91
C ALA A 123 -13.74 1.31 -16.79
N LEU A 124 -12.47 1.57 -16.47
CA LEU A 124 -11.81 0.90 -15.34
C LEU A 124 -12.56 1.16 -14.06
N SER A 125 -12.85 2.43 -13.79
CA SER A 125 -13.61 2.82 -12.62
C SER A 125 -14.95 2.08 -12.57
N SER A 126 -15.64 2.04 -13.70
CA SER A 126 -16.95 1.38 -13.74
C SER A 126 -16.83 -0.11 -13.49
N ALA A 127 -15.84 -0.77 -14.10
CA ALA A 127 -15.65 -2.20 -13.88
C ALA A 127 -15.34 -2.50 -12.42
N LEU A 128 -14.55 -1.65 -11.76
CA LEU A 128 -14.33 -1.86 -10.34
C LEU A 128 -15.63 -1.74 -9.58
N HIS A 129 -16.40 -0.70 -9.87
CA HIS A 129 -17.64 -0.46 -9.14
C HIS A 129 -18.67 -1.56 -9.37
N GLU A 130 -18.66 -2.15 -10.57
CA GLU A 130 -19.56 -3.27 -10.84
C GLU A 130 -19.24 -4.48 -9.98
N ARG A 131 -17.97 -4.62 -9.57
CA ARG A 131 -17.58 -5.69 -8.67
C ARG A 131 -17.60 -5.30 -7.20
N GLY A 132 -18.09 -4.11 -6.86
CA GLY A 132 -18.07 -3.70 -5.46
C GLY A 132 -16.69 -3.31 -4.96
N MET A 133 -15.80 -2.89 -5.86
CA MET A 133 -14.44 -2.51 -5.54
C MET A 133 -14.24 -1.00 -5.72
N TYR A 134 -13.19 -0.47 -5.08
CA TYR A 134 -12.88 0.95 -5.13
C TYR A 134 -11.67 1.20 -6.04
N LEU A 135 -11.63 2.41 -6.59
CA LEU A 135 -10.49 2.92 -7.36
C LEU A 135 -9.78 3.98 -6.52
N MET A 136 -8.48 3.78 -6.29
CA MET A 136 -7.65 4.80 -5.67
C MET A 136 -6.63 5.22 -6.73
N VAL A 137 -6.48 6.54 -6.92
CA VAL A 137 -5.56 7.08 -7.91
C VAL A 137 -4.45 7.84 -7.20
N ASP A 138 -3.23 7.61 -7.65
CA ASP A 138 -2.03 8.32 -7.20
C ASP A 138 -1.97 9.71 -7.83
N VAL A 139 -1.79 10.74 -7.00
CA VAL A 139 -1.66 12.11 -7.48
C VAL A 139 -0.43 12.80 -6.90
N VAL A 140 0.19 13.65 -7.71
CA VAL A 140 1.30 14.50 -7.33
C VAL A 140 0.84 15.96 -7.39
N ALA A 141 1.08 16.70 -6.31
CA ALA A 141 0.85 18.15 -6.26
C ALA A 141 2.17 18.92 -6.19
N ASN A 142 3.23 18.26 -5.69
CA ASN A 142 4.46 18.96 -5.37
C ASN A 142 5.15 19.51 -6.60
N HIS A 143 5.19 18.75 -7.68
CA HIS A 143 6.13 19.05 -8.76
C HIS A 143 5.63 18.58 -10.11
N MET A 144 6.24 19.15 -11.13
CA MET A 144 6.27 18.66 -12.49
C MET A 144 7.58 17.90 -12.69
N GLY A 145 7.77 17.35 -13.89
CA GLY A 145 9.02 16.72 -14.29
C GLY A 145 9.56 17.36 -15.54
N TYR A 146 10.87 17.29 -15.71
CA TYR A 146 11.50 17.94 -16.86
C TYR A 146 12.79 17.22 -17.22
N ASP A 147 13.01 17.05 -18.52
CA ASP A 147 14.21 16.38 -19.00
C ASP A 147 15.32 17.41 -19.04
N GLY A 148 16.20 17.36 -18.06
CA GLY A 148 17.39 18.16 -18.06
C GLY A 148 17.49 19.08 -16.86
N ALA A 149 18.48 19.97 -16.93
CA ALA A 149 18.90 20.76 -15.77
C ALA A 149 17.84 21.78 -15.37
N GLY A 150 17.79 22.08 -14.06
CA GLY A 150 16.77 22.98 -13.55
C GLY A 150 16.80 24.36 -14.20
N SER A 151 17.99 24.86 -14.53
CA SER A 151 18.13 26.14 -15.21
C SER A 151 17.66 26.09 -16.66
N SER A 152 17.55 24.91 -17.27
CA SER A 152 17.12 24.75 -18.66
C SER A 152 15.61 24.68 -18.83
N VAL A 153 14.82 24.73 -17.74
CA VAL A 153 13.41 24.42 -17.85
C VAL A 153 12.71 25.46 -18.72
N ASP A 154 11.92 24.99 -19.66
CA ASP A 154 11.01 25.80 -20.46
C ASP A 154 9.65 25.65 -19.80
N TYR A 155 9.24 26.66 -19.02
CA TYR A 155 8.00 26.53 -18.24
C TYR A 155 6.75 26.52 -19.11
N SER A 156 6.86 26.92 -20.37
CA SER A 156 5.70 26.90 -21.24
C SER A 156 5.18 25.49 -21.50
N VAL A 157 5.98 24.45 -21.28
CA VAL A 157 5.48 23.10 -21.56
C VAL A 157 4.48 22.65 -20.49
N PHE A 158 4.46 23.30 -19.33
CA PHE A 158 3.59 22.88 -18.24
C PHE A 158 2.20 23.44 -18.44
N LYS A 159 1.20 22.58 -18.30
CA LYS A 159 -0.21 22.97 -18.41
C LYS A 159 -0.91 22.58 -17.12
N PRO A 160 -1.55 23.51 -16.39
CA PRO A 160 -1.75 24.91 -16.73
C PRO A 160 -0.66 25.83 -16.23
N PHE A 161 0.35 25.30 -15.53
CA PHE A 161 1.29 26.15 -14.79
C PHE A 161 2.43 26.59 -15.71
N SER A 162 2.06 27.34 -16.75
CA SER A 162 2.94 27.57 -17.89
C SER A 162 3.86 28.76 -17.70
N SER A 163 4.21 29.09 -16.47
CA SER A 163 5.07 30.21 -16.19
C SER A 163 5.92 29.90 -14.97
N GLN A 164 7.15 30.40 -15.00
CA GLN A 164 8.04 30.29 -13.86
C GLN A 164 7.46 30.94 -12.60
N ASP A 165 6.49 31.86 -12.77
CA ASP A 165 5.93 32.54 -11.62
C ASP A 165 5.19 31.58 -10.69
N TYR A 166 4.81 30.41 -11.18
CA TYR A 166 4.09 29.46 -10.36
C TYR A 166 5.01 28.55 -9.53
N PHE A 167 6.32 28.70 -9.65
CA PHE A 167 7.27 27.72 -9.13
C PHE A 167 8.20 28.38 -8.12
N HIS A 168 8.68 27.56 -7.17
CA HIS A 168 9.75 28.02 -6.31
C HIS A 168 11.01 28.22 -7.14
N PRO A 169 11.85 29.18 -6.73
CA PRO A 169 13.16 29.32 -7.36
C PRO A 169 13.94 28.02 -7.31
N PHE A 170 14.74 27.81 -8.33
CA PHE A 170 15.48 26.57 -8.44
C PHE A 170 16.53 26.43 -7.35
N CYS A 171 16.47 25.31 -6.63
CA CYS A 171 17.51 24.83 -5.72
C CYS A 171 17.23 23.35 -5.48
N LEU A 172 18.27 22.61 -5.11
CA LEU A 172 18.06 21.21 -4.79
C LEU A 172 17.99 21.04 -3.26
N ILE A 173 17.35 19.96 -2.84
CA ILE A 173 17.18 19.66 -1.42
C ILE A 173 18.42 18.91 -0.96
N GLN A 174 19.14 19.50 -0.03
CA GLN A 174 20.36 18.91 0.48
C GLN A 174 20.20 18.41 1.90
N ASN A 175 19.53 19.19 2.74
CA ASN A 175 19.39 18.85 4.14
C ASN A 175 17.93 18.52 4.43
N TYR A 176 17.66 17.23 4.58
CA TYR A 176 16.31 16.77 4.85
C TYR A 176 15.86 17.00 6.28
N GLU A 177 16.71 17.56 7.14
CA GLU A 177 16.24 17.99 8.46
C GLU A 177 15.87 19.47 8.49
N ASP A 178 16.09 20.20 7.40
CA ASP A 178 15.64 21.58 7.24
C ASP A 178 14.31 21.54 6.49
N GLN A 179 13.21 21.64 7.25
CA GLN A 179 11.90 21.35 6.68
C GLN A 179 11.50 22.41 5.67
N THR A 180 11.97 23.65 5.85
CA THR A 180 11.69 24.68 4.84
C THR A 180 12.34 24.33 3.51
N GLN A 181 13.59 23.84 3.55
CA GLN A 181 14.29 23.43 2.33
C GLN A 181 13.62 22.21 1.71
N VAL A 182 13.14 21.29 2.54
CA VAL A 182 12.43 20.10 2.06
C VAL A 182 11.19 20.52 1.25
N GLU A 183 10.55 21.58 1.70
CA GLU A 183 9.32 22.06 1.07
C GLU A 183 9.56 23.02 -0.08
N ASP A 184 10.58 23.88 0.02
CA ASP A 184 10.72 24.97 -0.93
C ASP A 184 11.73 24.71 -2.04
N CYS A 185 12.65 23.77 -1.85
CA CYS A 185 13.58 23.37 -2.89
C CYS A 185 13.04 22.19 -3.72
N TRP A 186 13.74 21.93 -4.83
CA TRP A 186 13.29 20.97 -5.84
C TRP A 186 13.79 19.57 -5.49
N LEU A 187 12.90 18.59 -5.60
CA LEU A 187 13.33 17.21 -5.68
C LEU A 187 14.09 16.95 -6.98
N GLY A 188 14.63 15.75 -7.11
CA GLY A 188 15.33 15.40 -8.33
C GLY A 188 16.73 16.01 -8.37
N ASP A 189 17.24 16.16 -9.58
CA ASP A 189 18.57 16.71 -9.78
C ASP A 189 18.59 17.50 -11.08
N ASN A 190 19.78 17.64 -11.70
CA ASN A 190 19.86 18.33 -12.97
C ASN A 190 19.89 17.40 -14.18
N THR A 191 19.62 16.11 -13.99
CA THR A 191 19.42 15.17 -15.08
C THR A 191 17.95 15.03 -15.42
N VAL A 192 17.14 14.67 -14.42
CA VAL A 192 15.70 14.86 -14.48
C VAL A 192 15.38 15.78 -13.32
N SER A 193 14.95 16.99 -13.63
CA SER A 193 14.59 17.98 -12.64
C SER A 193 13.07 17.97 -12.44
N LEU A 194 12.67 18.41 -11.25
CA LEU A 194 11.28 18.27 -10.78
C LEU A 194 10.85 19.66 -10.32
N PRO A 195 10.51 20.53 -11.26
CA PRO A 195 10.13 21.90 -10.90
C PRO A 195 9.10 21.93 -9.79
N ASP A 196 9.41 22.68 -8.74
CA ASP A 196 8.65 22.67 -7.49
C ASP A 196 7.61 23.78 -7.49
N LEU A 197 6.34 23.40 -7.48
CA LEU A 197 5.29 24.40 -7.47
C LEU A 197 5.33 25.21 -6.16
N ASP A 198 5.07 26.51 -6.27
CA ASP A 198 4.96 27.31 -5.05
C ASP A 198 3.54 27.18 -4.53
N THR A 199 3.34 26.16 -3.70
CA THR A 199 2.06 25.78 -3.14
C THR A 199 1.58 26.69 -2.02
N THR A 200 2.30 27.78 -1.73
CA THR A 200 1.77 28.82 -0.84
C THR A 200 0.97 29.86 -1.62
N LYS A 201 1.08 29.88 -2.94
CA LYS A 201 0.36 30.88 -3.73
C LYS A 201 -1.11 30.52 -3.91
N ASP A 202 -1.97 31.52 -3.70
CA ASP A 202 -3.41 31.29 -3.89
C ASP A 202 -3.72 30.74 -5.26
N VAL A 203 -3.08 31.26 -6.31
CA VAL A 203 -3.45 30.81 -7.66
C VAL A 203 -3.10 29.34 -7.83
N VAL A 204 -2.00 28.90 -7.21
CA VAL A 204 -1.58 27.50 -7.30
C VAL A 204 -2.51 26.61 -6.50
N LYS A 205 -2.73 26.95 -5.22
CA LYS A 205 -3.68 26.20 -4.39
C LYS A 205 -5.06 26.13 -5.03
N ASN A 206 -5.58 27.25 -5.52
CA ASN A 206 -6.93 27.22 -6.04
C ASN A 206 -7.02 26.32 -7.26
N GLU A 207 -6.01 26.36 -8.12
CA GLU A 207 -5.99 25.52 -9.31
C GLU A 207 -5.92 24.03 -8.93
N TRP A 208 -4.99 23.66 -8.01
CA TRP A 208 -4.92 22.26 -7.62
C TRP A 208 -6.23 21.79 -6.98
N TYR A 209 -6.85 22.63 -6.14
CA TYR A 209 -8.09 22.24 -5.49
C TYR A 209 -9.20 22.04 -6.50
N ASP A 210 -9.32 22.96 -7.47
N ASP A 210 -9.31 22.95 -7.48
CA ASP A 210 -10.27 22.79 -8.57
CA ASP A 210 -10.30 22.75 -8.54
C ASP A 210 -9.97 21.51 -9.33
C ASP A 210 -9.97 21.50 -9.35
N TRP A 211 -8.70 21.30 -9.69
CA TRP A 211 -8.31 20.15 -10.48
C TRP A 211 -8.65 18.84 -9.75
N VAL A 212 -8.33 18.75 -8.46
CA VAL A 212 -8.48 17.43 -7.84
C VAL A 212 -9.97 17.10 -7.68
N GLY A 213 -10.78 18.10 -7.32
CA GLY A 213 -12.21 17.85 -7.27
C GLY A 213 -12.76 17.39 -8.60
N SER A 214 -12.26 18.00 -9.70
CA SER A 214 -12.72 17.65 -11.03
C SER A 214 -12.20 16.30 -11.50
N LEU A 215 -10.95 15.95 -11.16
CA LEU A 215 -10.44 14.63 -11.49
C LEU A 215 -11.31 13.56 -10.84
N VAL A 216 -11.61 13.74 -9.56
CA VAL A 216 -12.40 12.78 -8.81
C VAL A 216 -13.78 12.61 -9.45
N SER A 217 -14.40 13.72 -9.84
CA SER A 217 -15.73 13.65 -10.44
C SER A 217 -15.69 12.96 -11.80
N ASN A 218 -14.75 13.36 -12.65
CA ASN A 218 -14.68 12.83 -14.00
C ASN A 218 -14.56 11.31 -14.01
N TYR A 219 -13.71 10.74 -13.16
CA TYR A 219 -13.40 9.33 -13.24
C TYR A 219 -13.99 8.54 -12.08
N SER A 220 -14.86 9.17 -11.28
CA SER A 220 -15.54 8.50 -10.19
CA SER A 220 -15.54 8.50 -10.18
C SER A 220 -14.54 7.79 -9.27
N ILE A 221 -13.53 8.55 -8.85
CA ILE A 221 -12.45 8.01 -8.01
C ILE A 221 -12.94 7.90 -6.56
N ASP A 222 -12.63 6.78 -5.90
CA ASP A 222 -13.10 6.55 -4.55
C ASP A 222 -12.10 7.01 -3.49
N GLY A 223 -10.81 7.07 -3.83
CA GLY A 223 -9.80 7.54 -2.89
C GLY A 223 -8.57 7.98 -3.66
N LEU A 224 -7.71 8.73 -2.94
CA LEU A 224 -6.46 9.22 -3.52
C LEU A 224 -5.29 8.79 -2.66
N ARG A 225 -4.20 8.43 -3.33
CA ARG A 225 -2.90 8.30 -2.67
C ARG A 225 -2.11 9.51 -3.13
N ILE A 226 -1.64 10.29 -2.18
CA ILE A 226 -0.94 11.53 -2.46
C ILE A 226 0.54 11.33 -2.28
N ASP A 227 1.27 11.59 -3.37
CA ASP A 227 2.74 11.53 -3.45
C ASP A 227 3.36 12.68 -2.66
N THR A 228 4.62 12.45 -2.23
CA THR A 228 5.52 13.49 -1.78
C THR A 228 4.89 14.53 -0.86
N VAL A 229 4.16 14.04 0.16
CA VAL A 229 3.43 14.92 1.04
C VAL A 229 4.36 15.82 1.87
N LYS A 230 5.48 15.27 2.36
CA LYS A 230 6.34 16.07 3.23
C LYS A 230 7.04 17.21 2.50
N HIS A 231 6.93 17.25 1.17
CA HIS A 231 7.58 18.27 0.38
C HIS A 231 6.64 19.44 0.06
N VAL A 232 5.44 19.44 0.61
CA VAL A 232 4.49 20.52 0.45
C VAL A 232 4.11 20.98 1.87
N GLN A 233 4.06 22.30 2.11
CA GLN A 233 3.82 22.77 3.47
C GLN A 233 2.46 22.30 3.97
N LYS A 234 2.36 22.04 5.29
CA LYS A 234 1.17 21.39 5.85
C LYS A 234 -0.08 22.16 5.58
N ASP A 235 0.00 23.50 5.52
CA ASP A 235 -1.27 24.24 5.36
C ASP A 235 -1.90 24.05 3.98
N PHE A 236 -1.20 23.43 3.03
CA PHE A 236 -1.81 23.10 1.76
C PHE A 236 -2.83 21.96 1.87
N TRP A 237 -2.62 21.04 2.81
CA TRP A 237 -3.25 19.74 2.65
C TRP A 237 -4.67 19.67 3.16
N PRO A 238 -5.08 20.34 4.23
CA PRO A 238 -6.51 20.29 4.59
C PRO A 238 -7.39 20.74 3.44
N GLY A 239 -7.03 21.86 2.81
CA GLY A 239 -7.80 22.32 1.65
C GLY A 239 -7.84 21.33 0.50
N TYR A 240 -6.71 20.66 0.25
CA TYR A 240 -6.65 19.69 -0.83
C TYR A 240 -7.52 18.47 -0.52
N ASN A 241 -7.38 17.93 0.68
CA ASN A 241 -8.17 16.76 1.12
C ASN A 241 -9.65 17.09 1.05
N LYS A 242 -10.01 18.31 1.45
CA LYS A 242 -11.42 18.72 1.39
C LYS A 242 -11.90 18.82 -0.05
N ALA A 243 -11.11 19.44 -0.92
CA ALA A 243 -11.55 19.60 -2.29
C ALA A 243 -11.68 18.27 -3.01
N ALA A 244 -10.82 17.30 -2.67
CA ALA A 244 -10.91 15.99 -3.28
C ALA A 244 -12.25 15.33 -2.96
N GLY A 245 -12.73 15.51 -1.74
CA GLY A 245 -14.00 14.95 -1.37
C GLY A 245 -13.98 13.47 -1.06
N VAL A 246 -12.80 12.85 -0.99
CA VAL A 246 -12.67 11.43 -0.74
C VAL A 246 -11.52 11.24 0.23
N TYR A 247 -11.44 10.02 0.77
CA TYR A 247 -10.30 9.61 1.60
C TYR A 247 -9.00 9.83 0.84
N CYS A 248 -8.03 10.45 1.53
CA CYS A 248 -6.71 10.67 1.00
C CYS A 248 -5.69 10.03 1.92
N ILE A 249 -4.79 9.24 1.36
CA ILE A 249 -3.71 8.65 2.14
C ILE A 249 -2.40 9.19 1.57
N GLY A 250 -1.60 9.80 2.42
CA GLY A 250 -0.40 10.49 1.99
C GLY A 250 0.86 9.65 2.16
N GLU A 251 1.75 9.80 1.19
CA GLU A 251 3.09 9.25 1.29
C GLU A 251 3.96 10.27 2.01
N VAL A 252 4.28 9.98 3.26
CA VAL A 252 5.23 10.77 4.05
C VAL A 252 6.41 9.84 4.28
N LEU A 253 7.47 10.03 3.52
CA LEU A 253 8.54 9.04 3.46
C LEU A 253 9.49 9.30 4.62
N ASP A 254 9.10 8.79 5.78
CA ASP A 254 9.93 8.90 6.98
C ASP A 254 9.50 7.83 7.98
N GLY A 255 10.49 7.14 8.55
CA GLY A 255 10.18 6.10 9.50
C GLY A 255 9.92 6.58 10.91
N ASP A 256 10.08 7.86 11.18
CA ASP A 256 9.93 8.36 12.54
C ASP A 256 8.47 8.69 12.78
N PRO A 257 7.76 8.00 13.66
CA PRO A 257 6.35 8.34 13.88
C PRO A 257 6.15 9.74 14.42
N ALA A 258 7.17 10.32 15.08
CA ALA A 258 7.05 11.71 15.54
C ALA A 258 7.05 12.71 14.38
N TYR A 259 7.59 12.35 13.22
CA TYR A 259 7.52 13.19 12.03
C TYR A 259 6.34 12.86 11.15
N THR A 260 6.07 11.57 10.96
CA THR A 260 5.06 11.14 9.99
C THR A 260 3.63 11.19 10.53
N CYS A 261 3.41 10.79 11.78
CA CYS A 261 2.03 10.69 12.29
C CYS A 261 1.37 12.07 12.37
N PRO A 262 2.12 13.13 12.69
CA PRO A 262 1.49 14.46 12.69
C PRO A 262 0.94 14.87 11.34
N TYR A 263 1.39 14.26 10.25
CA TYR A 263 0.74 14.56 8.97
C TYR A 263 -0.70 14.08 8.95
N GLN A 264 -1.08 13.12 9.80
CA GLN A 264 -2.49 12.77 9.90
C GLN A 264 -3.35 13.88 10.56
N ASN A 265 -2.75 14.92 11.09
CA ASN A 265 -3.53 16.10 11.53
C ASN A 265 -3.98 16.95 10.34
N VAL A 266 -3.41 16.75 9.15
CA VAL A 266 -3.81 17.54 7.97
C VAL A 266 -4.29 16.70 6.81
N MET A 267 -4.33 15.37 6.97
CA MET A 267 -4.75 14.46 5.91
C MET A 267 -5.36 13.23 6.59
N ASP A 268 -6.32 12.61 5.91
CA ASP A 268 -7.06 11.49 6.52
C ASP A 268 -6.13 10.39 7.01
N GLY A 269 -5.21 9.93 6.15
CA GLY A 269 -4.28 8.90 6.54
C GLY A 269 -2.91 9.16 5.93
N VAL A 270 -1.92 8.39 6.40
CA VAL A 270 -0.62 8.31 5.74
C VAL A 270 -0.23 6.84 5.62
N LEU A 271 0.65 6.58 4.66
CA LEU A 271 1.30 5.26 4.57
C LEU A 271 2.08 4.98 5.85
N ASN A 272 2.03 3.74 6.31
CA ASN A 272 2.65 3.43 7.59
C ASN A 272 4.14 3.11 7.42
N TYR A 273 4.89 4.15 7.02
CA TYR A 273 6.34 4.01 7.03
C TYR A 273 6.90 3.78 8.42
N PRO A 274 6.31 4.25 9.53
CA PRO A 274 6.84 3.87 10.86
C PRO A 274 6.87 2.37 11.08
N ILE A 275 5.79 1.65 10.73
CA ILE A 275 5.77 0.20 10.87
C ILE A 275 6.63 -0.48 9.82
N TYR A 276 6.74 0.10 8.62
CA TYR A 276 7.50 -0.54 7.55
C TYR A 276 8.88 -1.01 8.00
N TYR A 277 9.72 -0.12 8.56
CA TYR A 277 11.10 -0.53 8.79
C TYR A 277 11.19 -1.66 9.81
N PRO A 278 10.49 -1.65 10.95
CA PRO A 278 10.60 -2.79 11.87
C PRO A 278 9.89 -4.04 11.41
N LEU A 279 8.83 -3.88 10.65
CA LEU A 279 8.16 -5.01 10.04
C LEU A 279 9.09 -5.73 9.07
N LEU A 280 9.74 -4.99 8.18
CA LEU A 280 10.71 -5.59 7.28
C LEU A 280 11.82 -6.29 8.07
N ASN A 281 12.37 -5.59 9.06
CA ASN A 281 13.51 -6.15 9.79
C ASN A 281 13.09 -7.39 10.57
N ALA A 282 11.88 -7.40 11.12
CA ALA A 282 11.45 -8.54 11.91
C ALA A 282 11.41 -9.83 11.10
N PHE A 283 11.03 -9.75 9.82
CA PHE A 283 10.81 -10.95 9.03
C PHE A 283 11.79 -11.19 7.89
N LYS A 284 12.71 -10.27 7.59
CA LYS A 284 13.60 -10.47 6.46
C LYS A 284 14.69 -11.48 6.79
N SER A 285 14.86 -11.82 8.06
CA SER A 285 15.79 -12.87 8.42
C SER A 285 15.29 -13.52 9.68
N THR A 286 15.84 -14.71 9.95
CA THR A 286 15.47 -15.43 11.15
C THR A 286 15.99 -14.76 12.42
N SER A 287 16.85 -13.75 12.29
CA SER A 287 17.36 -13.04 13.46
C SER A 287 16.73 -11.65 13.62
N GLY A 288 15.61 -11.40 12.95
CA GLY A 288 14.98 -10.10 13.04
C GLY A 288 14.35 -9.84 14.39
N SER A 289 14.20 -8.55 14.73
CA SER A 289 13.78 -8.13 16.06
C SER A 289 12.25 -8.09 16.14
N MET A 290 11.69 -9.01 16.92
CA MET A 290 10.26 -8.94 17.20
C MET A 290 9.94 -7.79 18.15
N ASP A 291 10.88 -7.41 19.01
CA ASP A 291 10.64 -6.34 19.98
C ASP A 291 10.34 -5.02 19.27
N ASP A 292 11.18 -4.67 18.28
CA ASP A 292 11.02 -3.38 17.60
C ASP A 292 9.66 -3.30 16.92
N LEU A 293 9.21 -4.41 16.34
CA LEU A 293 7.89 -4.41 15.70
C LEU A 293 6.79 -4.32 16.75
N TYR A 294 6.86 -5.15 17.79
CA TYR A 294 5.89 -5.08 18.88
C TYR A 294 5.79 -3.65 19.42
N ASN A 295 6.93 -3.04 19.68
CA ASN A 295 6.91 -1.71 20.29
C ASN A 295 6.39 -0.67 19.32
N MET A 296 6.67 -0.80 18.00
CA MET A 296 6.15 0.21 17.06
C MET A 296 4.65 0.10 16.88
N ILE A 297 4.09 -1.10 16.93
CA ILE A 297 2.63 -1.19 16.87
C ILE A 297 2.03 -0.34 17.97
N ASN A 298 2.57 -0.46 19.18
CA ASN A 298 2.01 0.27 20.32
C ASN A 298 2.30 1.77 20.21
N THR A 299 3.49 2.15 19.73
CA THR A 299 3.80 3.57 19.55
C THR A 299 2.81 4.20 18.56
N VAL A 300 2.63 3.57 17.40
CA VAL A 300 1.69 4.09 16.41
C VAL A 300 0.27 4.14 16.97
N LYS A 301 -0.14 3.08 17.68
CA LYS A 301 -1.48 2.99 18.22
C LYS A 301 -1.81 4.19 19.09
N SER A 302 -0.85 4.64 19.89
CA SER A 302 -1.11 5.71 20.84
C SER A 302 -0.73 7.08 20.29
N ASP A 303 0.32 7.20 19.47
CA ASP A 303 0.82 8.52 19.07
C ASP A 303 0.22 9.02 17.76
N CYS A 304 -0.20 8.12 16.87
N CYS A 304 -0.26 8.14 16.92
CA CYS A 304 -0.83 8.53 15.61
CA CYS A 304 -0.84 8.60 15.67
C CYS A 304 -2.30 8.87 15.86
C CYS A 304 -2.32 8.87 15.86
N PRO A 305 -2.84 9.92 15.23
CA PRO A 305 -4.26 10.25 15.42
C PRO A 305 -5.19 9.08 15.27
N ASP A 306 -5.04 8.27 14.21
CA ASP A 306 -5.86 7.08 14.08
C ASP A 306 -5.11 6.00 13.28
N SER A 307 -4.53 5.05 14.00
CA SER A 307 -3.86 3.92 13.36
C SER A 307 -4.72 3.17 12.35
N THR A 308 -6.04 3.21 12.49
CA THR A 308 -6.89 2.42 11.59
C THR A 308 -7.19 3.14 10.29
N LEU A 309 -6.63 4.34 10.09
CA LEU A 309 -6.70 5.02 8.80
C LEU A 309 -5.34 5.06 8.12
N LEU A 310 -4.34 4.36 8.63
CA LEU A 310 -3.04 4.27 7.98
C LEU A 310 -3.05 3.09 7.00
N GLY A 311 -2.03 3.03 6.14
CA GLY A 311 -1.89 1.91 5.22
C GLY A 311 -0.66 1.08 5.49
N THR A 312 -0.86 -0.21 5.73
CA THR A 312 0.22 -1.13 6.10
C THR A 312 0.80 -1.78 4.85
N PHE A 313 2.13 -1.80 4.75
CA PHE A 313 2.81 -2.40 3.63
C PHE A 313 4.19 -2.89 4.06
N VAL A 314 4.76 -3.84 3.30
CA VAL A 314 6.18 -4.15 3.39
C VAL A 314 6.89 -4.07 2.05
N GLU A 315 6.19 -3.74 0.97
CA GLU A 315 6.75 -3.81 -0.37
C GLU A 315 6.14 -2.70 -1.19
N ASN A 316 6.97 -1.95 -1.91
CA ASN A 316 6.47 -0.95 -2.87
C ASN A 316 7.57 -0.70 -3.92
N HIS A 317 7.35 0.31 -4.74
CA HIS A 317 8.18 0.65 -5.88
C HIS A 317 9.33 1.57 -5.55
N ASP A 318 9.53 1.87 -4.26
CA ASP A 318 10.54 2.82 -3.82
C ASP A 318 11.51 2.19 -2.85
N ASN A 319 11.41 0.87 -2.62
CA ASN A 319 12.30 0.11 -1.78
C ASN A 319 12.53 -1.28 -2.40
N PRO A 320 13.61 -1.94 -1.98
CA PRO A 320 13.78 -3.34 -2.44
C PRO A 320 12.58 -4.16 -2.01
N ARG A 321 12.16 -5.08 -2.89
CA ARG A 321 11.07 -5.98 -2.53
C ARG A 321 11.50 -6.89 -1.39
N PHE A 322 10.51 -7.41 -0.67
CA PHE A 322 10.79 -8.26 0.48
C PHE A 322 11.72 -9.41 0.09
N ALA A 323 11.41 -10.09 -1.01
CA ALA A 323 12.18 -11.26 -1.41
C ALA A 323 13.55 -10.91 -1.98
N SER A 324 13.82 -9.64 -2.24
CA SER A 324 15.21 -9.25 -2.54
C SER A 324 16.10 -9.44 -1.32
N TYR A 325 15.53 -9.43 -0.12
CA TYR A 325 16.28 -9.69 1.10
C TYR A 325 16.44 -11.17 1.42
N THR A 326 15.38 -11.95 1.22
CA THR A 326 15.40 -13.38 1.45
C THR A 326 14.34 -14.05 0.58
N ASN A 327 14.68 -15.17 -0.06
CA ASN A 327 13.71 -15.95 -0.81
C ASN A 327 12.93 -16.95 0.05
N ASP A 328 13.09 -16.90 1.36
CA ASP A 328 12.39 -17.85 2.22
C ASP A 328 10.89 -17.61 2.17
N ILE A 329 10.14 -18.60 1.65
CA ILE A 329 8.71 -18.42 1.39
C ILE A 329 7.92 -18.34 2.68
N ALA A 330 8.38 -18.97 3.76
CA ALA A 330 7.67 -18.87 5.04
C ALA A 330 7.76 -17.45 5.61
N LEU A 331 8.95 -16.87 5.60
CA LEU A 331 9.05 -15.47 6.01
C LEU A 331 8.11 -14.59 5.18
N ALA A 332 8.03 -14.84 3.88
CA ALA A 332 7.19 -13.98 3.03
C ALA A 332 5.70 -14.14 3.36
N LYS A 333 5.29 -15.36 3.68
CA LYS A 333 3.91 -15.58 4.11
C LYS A 333 3.59 -14.84 5.39
N ASN A 334 4.50 -14.85 6.36
CA ASN A 334 4.24 -14.17 7.62
C ASN A 334 4.11 -12.67 7.44
N VAL A 335 4.98 -12.08 6.61
CA VAL A 335 4.94 -10.63 6.49
C VAL A 335 3.69 -10.23 5.73
N ALA A 336 3.25 -11.05 4.79
CA ALA A 336 2.01 -10.76 4.08
C ALA A 336 0.80 -10.90 5.02
N ALA A 337 0.80 -11.91 5.89
CA ALA A 337 -0.29 -12.02 6.88
C ALA A 337 -0.35 -10.80 7.79
N PHE A 338 0.81 -10.34 8.28
CA PHE A 338 0.83 -9.14 9.12
C PHE A 338 0.20 -7.95 8.41
N ILE A 339 0.61 -7.72 7.15
CA ILE A 339 0.07 -6.58 6.39
C ILE A 339 -1.44 -6.64 6.37
N ILE A 340 -1.99 -7.83 6.20
CA ILE A 340 -3.44 -7.91 6.06
C ILE A 340 -4.16 -7.78 7.40
N LEU A 341 -3.56 -8.18 8.50
CA LEU A 341 -4.28 -8.26 9.77
C LEU A 341 -3.92 -7.15 10.76
N ASN A 342 -2.94 -6.30 10.43
CA ASN A 342 -2.69 -5.10 11.24
C ASN A 342 -3.85 -4.08 11.14
N ASP A 343 -3.87 -3.17 12.11
CA ASP A 343 -4.66 -1.96 11.99
C ASP A 343 -4.51 -1.30 10.62
N GLY A 344 -5.57 -0.76 10.12
CA GLY A 344 -5.49 0.04 8.93
C GLY A 344 -5.78 -0.76 7.68
N ILE A 345 -5.37 -0.17 6.56
CA ILE A 345 -5.70 -0.68 5.24
C ILE A 345 -4.52 -1.49 4.73
N PRO A 346 -4.68 -2.78 4.46
CA PRO A 346 -3.60 -3.55 3.84
C PRO A 346 -3.27 -3.02 2.45
N ILE A 347 -1.97 -2.98 2.13
CA ILE A 347 -1.55 -2.62 0.78
C ILE A 347 -0.48 -3.61 0.34
N ILE A 348 -0.79 -4.35 -0.72
CA ILE A 348 0.08 -5.34 -1.31
C ILE A 348 0.49 -4.83 -2.67
N TYR A 349 1.78 -4.93 -3.00
CA TYR A 349 2.31 -4.37 -4.23
C TYR A 349 2.44 -5.46 -5.29
N ALA A 350 1.76 -5.27 -6.42
CA ALA A 350 1.75 -6.24 -7.50
C ALA A 350 3.11 -6.85 -7.77
N GLY A 351 3.13 -8.19 -7.73
CA GLY A 351 4.33 -9.00 -7.83
C GLY A 351 4.71 -9.61 -6.50
N GLN A 352 4.38 -8.93 -5.40
CA GLN A 352 4.63 -9.50 -4.08
C GLN A 352 3.97 -10.87 -3.96
N GLU A 353 2.77 -11.01 -4.53
CA GLU A 353 2.06 -12.28 -4.46
C GLU A 353 2.64 -13.34 -5.39
N GLN A 354 3.57 -12.98 -6.27
CA GLN A 354 4.32 -13.95 -7.05
C GLN A 354 5.78 -14.00 -6.63
N HIS A 355 6.09 -13.54 -5.41
CA HIS A 355 7.40 -13.68 -4.80
C HIS A 355 8.49 -12.99 -5.62
N TYR A 356 8.14 -11.88 -6.26
CA TYR A 356 9.10 -11.07 -6.99
C TYR A 356 10.17 -10.54 -6.05
N ALA A 357 11.43 -10.42 -6.57
CA ALA A 357 12.58 -10.17 -5.72
C ALA A 357 13.46 -9.02 -6.20
N GLY A 358 12.94 -8.14 -7.03
CA GLY A 358 13.71 -7.01 -7.48
C GLY A 358 14.13 -6.08 -6.37
N GLY A 359 15.31 -5.48 -6.55
CA GLY A 359 15.86 -4.53 -5.60
C GLY A 359 15.39 -3.13 -5.92
N ASN A 360 16.21 -2.12 -5.60
CA ASN A 360 15.76 -0.75 -5.76
C ASN A 360 15.50 -0.38 -7.22
N ASP A 361 14.59 0.57 -7.37
CA ASP A 361 14.19 1.21 -8.62
C ASP A 361 15.40 1.27 -9.55
N PRO A 362 15.32 0.71 -10.78
CA PRO A 362 14.11 0.24 -11.47
C PRO A 362 13.76 -1.23 -11.29
N ALA A 363 14.56 -1.96 -10.50
CA ALA A 363 14.47 -3.40 -10.46
C ALA A 363 13.19 -3.90 -9.80
N ASN A 364 12.56 -3.07 -8.97
CA ASN A 364 11.33 -3.42 -8.28
C ASN A 364 10.07 -3.02 -9.09
N ARG A 365 10.22 -2.72 -10.38
CA ARG A 365 9.11 -2.40 -11.26
C ARG A 365 8.89 -3.49 -12.31
N GLU A 366 9.11 -4.74 -11.92
CA GLU A 366 8.84 -5.86 -12.82
C GLU A 366 7.38 -5.91 -13.28
N ALA A 367 7.19 -6.43 -14.50
CA ALA A 367 5.87 -6.57 -15.10
C ALA A 367 5.16 -7.76 -14.48
N THR A 368 3.94 -7.54 -14.00
CA THR A 368 3.18 -8.62 -13.37
C THR A 368 2.85 -9.71 -14.38
N TRP A 369 2.65 -9.34 -15.64
CA TRP A 369 2.17 -10.31 -16.63
C TRP A 369 3.17 -11.43 -16.89
N LEU A 370 4.46 -11.16 -16.72
CA LEU A 370 5.45 -12.19 -17.00
C LEU A 370 5.40 -13.35 -16.01
N SER A 371 4.74 -13.18 -14.86
CA SER A 371 4.52 -14.33 -13.99
C SER A 371 3.55 -15.32 -14.60
N GLY A 372 2.76 -14.87 -15.58
CA GLY A 372 1.63 -15.66 -16.05
C GLY A 372 0.39 -15.59 -15.19
N TYR A 373 0.41 -14.79 -14.11
CA TYR A 373 -0.70 -14.62 -13.21
C TYR A 373 -1.22 -15.94 -12.61
N PRO A 374 -0.35 -16.84 -12.14
CA PRO A 374 -0.86 -18.07 -11.54
C PRO A 374 -1.63 -17.79 -10.26
N THR A 375 -2.86 -18.28 -10.20
CA THR A 375 -3.70 -18.14 -9.01
C THR A 375 -3.44 -19.24 -7.98
N ASP A 376 -2.44 -20.09 -8.19
CA ASP A 376 -2.13 -21.15 -7.25
C ASP A 376 -0.73 -21.04 -6.67
N SER A 377 -0.10 -19.89 -6.82
CA SER A 377 1.19 -19.69 -6.16
C SER A 377 0.98 -19.63 -4.66
N GLU A 378 2.07 -19.84 -3.93
CA GLU A 378 1.98 -19.94 -2.48
CA GLU A 378 1.98 -19.94 -2.48
C GLU A 378 1.45 -18.65 -1.88
N LEU A 379 1.93 -17.49 -2.35
CA LEU A 379 1.54 -16.22 -1.72
C LEU A 379 0.19 -15.75 -2.22
N TYR A 380 -0.18 -16.11 -3.45
CA TYR A 380 -1.55 -15.84 -3.89
C TYR A 380 -2.54 -16.50 -2.94
N LYS A 381 -2.29 -17.77 -2.61
CA LYS A 381 -3.19 -18.50 -1.73
C LYS A 381 -3.14 -18.00 -0.29
N LEU A 382 -1.95 -17.71 0.23
CA LEU A 382 -1.85 -17.15 1.58
C LEU A 382 -2.64 -15.85 1.66
N ILE A 383 -2.39 -14.96 0.71
CA ILE A 383 -3.04 -13.66 0.71
C ILE A 383 -4.54 -13.85 0.62
N ALA A 384 -4.99 -14.72 -0.27
CA ALA A 384 -6.42 -14.99 -0.41
C ALA A 384 -7.02 -15.44 0.91
N SER A 385 -6.32 -16.32 1.64
CA SER A 385 -6.85 -16.80 2.91
C SER A 385 -6.86 -15.71 3.96
N ALA A 386 -5.82 -14.87 3.99
CA ALA A 386 -5.79 -13.79 4.96
C ALA A 386 -6.87 -12.75 4.68
N ASN A 387 -7.01 -12.34 3.41
CA ASN A 387 -8.07 -11.40 3.07
C ASN A 387 -9.45 -12.00 3.30
N ALA A 388 -9.61 -13.30 3.05
CA ALA A 388 -10.92 -13.93 3.23
C ALA A 388 -11.39 -13.79 4.67
N ILE A 389 -10.52 -14.11 5.63
CA ILE A 389 -10.95 -14.06 7.03
C ILE A 389 -11.12 -12.60 7.46
N ARG A 390 -10.31 -11.68 6.94
CA ARG A 390 -10.54 -10.27 7.27
C ARG A 390 -11.85 -9.79 6.71
N ASN A 391 -12.11 -10.05 5.42
CA ASN A 391 -13.35 -9.58 4.83
C ASN A 391 -14.55 -10.18 5.54
N TYR A 392 -14.44 -11.45 5.95
CA TYR A 392 -15.57 -12.09 6.62
C TYR A 392 -15.75 -11.55 8.03
N ALA A 393 -14.68 -11.48 8.81
CA ALA A 393 -14.81 -10.95 10.17
C ALA A 393 -15.45 -9.57 10.15
N ILE A 394 -15.08 -8.74 9.17
CA ILE A 394 -15.65 -7.41 9.07
C ILE A 394 -17.15 -7.47 8.81
N SER A 395 -17.57 -8.41 7.97
CA SER A 395 -19.00 -8.56 7.67
C SER A 395 -19.80 -8.96 8.90
N LYS A 396 -19.14 -9.45 9.94
CA LYS A 396 -19.81 -9.93 11.14
C LYS A 396 -19.50 -9.09 12.37
N ASP A 397 -18.60 -8.12 12.27
CA ASP A 397 -18.12 -7.38 13.44
C ASP A 397 -17.87 -5.94 12.99
N THR A 398 -18.85 -5.06 13.24
CA THR A 398 -18.71 -3.66 12.89
C THR A 398 -17.62 -2.97 13.69
N GLY A 399 -17.18 -3.59 14.78
CA GLY A 399 -16.09 -3.08 15.57
C GLY A 399 -14.70 -3.47 15.11
N PHE A 400 -14.59 -4.38 14.14
CA PHE A 400 -13.27 -4.89 13.77
C PHE A 400 -12.35 -3.77 13.30
N VAL A 401 -12.84 -2.93 12.39
CA VAL A 401 -11.93 -1.94 11.78
C VAL A 401 -11.49 -0.86 12.78
N THR A 402 -12.27 -0.60 13.84
CA THR A 402 -11.88 0.42 14.81
C THR A 402 -11.24 -0.16 16.07
N TYR A 403 -11.29 -1.48 16.27
CA TYR A 403 -10.58 -2.12 17.37
C TYR A 403 -9.08 -2.02 17.11
N LYS A 404 -8.36 -1.38 18.03
CA LYS A 404 -6.91 -1.22 17.87
C LYS A 404 -6.17 -2.54 18.05
N ASN A 405 -5.49 -2.97 17.00
CA ASN A 405 -4.64 -4.14 17.05
C ASN A 405 -3.79 -4.14 18.31
N TRP A 406 -3.73 -5.29 18.97
CA TRP A 406 -3.19 -5.40 20.32
C TRP A 406 -2.17 -6.52 20.37
N PRO A 407 -0.87 -6.20 20.44
CA PRO A 407 0.15 -7.25 20.59
C PRO A 407 0.06 -7.87 21.97
N ILE A 408 -0.12 -9.19 22.00
CA ILE A 408 -0.34 -9.93 23.24
C ILE A 408 0.82 -10.84 23.59
N TYR A 409 1.75 -11.08 22.68
CA TYR A 409 2.85 -11.98 22.98
C TYR A 409 4.00 -11.68 22.05
N LYS A 410 5.22 -11.83 22.56
CA LYS A 410 6.38 -11.95 21.71
C LYS A 410 7.47 -12.75 22.41
N ASP A 411 8.33 -13.35 21.58
CA ASP A 411 9.60 -13.89 22.06
C ASP A 411 10.61 -13.63 20.95
N ASP A 412 11.72 -14.37 20.97
CA ASP A 412 12.82 -14.09 20.05
C ASP A 412 12.45 -14.34 18.59
N THR A 413 11.42 -15.16 18.33
CA THR A 413 11.06 -15.59 16.98
C THR A 413 9.56 -15.49 16.71
N THR A 414 8.80 -14.88 17.61
CA THR A 414 7.36 -14.94 17.54
C THR A 414 6.77 -13.60 17.98
N ILE A 415 5.66 -13.24 17.36
CA ILE A 415 4.80 -12.15 17.81
C ILE A 415 3.38 -12.60 17.59
N ALA A 416 2.52 -12.37 18.57
CA ALA A 416 1.10 -12.66 18.45
C ALA A 416 0.31 -11.41 18.74
N MET A 417 -0.83 -11.28 18.07
CA MET A 417 -1.61 -10.07 18.18
C MET A 417 -3.07 -10.42 18.05
N ARG A 418 -3.92 -9.52 18.57
CA ARG A 418 -5.35 -9.74 18.70
C ARG A 418 -6.10 -8.51 18.21
N LYS A 419 -7.12 -8.73 17.39
CA LYS A 419 -7.94 -7.65 16.87
C LYS A 419 -9.38 -8.07 16.65
N GLY A 420 -10.32 -7.29 17.19
CA GLY A 420 -11.73 -7.54 16.98
C GLY A 420 -12.52 -7.65 18.27
N THR A 421 -13.82 -7.44 18.18
CA THR A 421 -14.69 -7.46 19.35
C THR A 421 -14.62 -8.81 20.05
N ASP A 422 -14.59 -8.78 21.38
CA ASP A 422 -14.58 -10.02 22.18
C ASP A 422 -15.65 -10.99 21.65
N GLY A 423 -15.27 -12.26 21.59
CA GLY A 423 -16.08 -13.30 21.00
C GLY A 423 -15.90 -13.47 19.50
N SER A 424 -15.35 -12.46 18.81
CA SER A 424 -15.17 -12.49 17.37
C SER A 424 -13.76 -12.11 16.95
N GLN A 425 -12.81 -12.17 17.87
CA GLN A 425 -11.48 -11.66 17.57
C GLN A 425 -10.68 -12.64 16.72
N ILE A 426 -9.90 -12.08 15.80
CA ILE A 426 -8.84 -12.80 15.10
C ILE A 426 -7.58 -12.71 15.94
N VAL A 427 -6.96 -13.85 16.21
CA VAL A 427 -5.70 -13.87 16.93
C VAL A 427 -4.66 -14.49 15.98
N THR A 428 -3.60 -13.73 15.71
CA THR A 428 -2.60 -14.06 14.71
C THR A 428 -1.27 -14.31 15.41
N ILE A 429 -0.64 -15.44 15.08
CA ILE A 429 0.66 -15.78 15.61
C ILE A 429 1.59 -15.85 14.41
N LEU A 430 2.64 -15.02 14.42
CA LEU A 430 3.60 -14.92 13.32
C LEU A 430 4.96 -15.33 13.84
N SER A 431 5.79 -15.82 12.93
CA SER A 431 7.09 -16.37 13.29
C SER A 431 8.14 -15.92 12.28
N ASN A 432 9.37 -15.73 12.73
CA ASN A 432 10.47 -15.58 11.79
C ASN A 432 11.42 -16.79 11.79
N LYS A 433 10.94 -17.96 12.22
CA LYS A 433 11.78 -19.15 12.19
C LYS A 433 12.13 -19.55 10.76
N GLY A 434 11.31 -19.18 9.78
CA GLY A 434 11.60 -19.52 8.40
C GLY A 434 11.21 -20.95 8.05
N ALA A 435 11.48 -21.30 6.79
CA ALA A 435 10.94 -22.54 6.21
C ALA A 435 11.49 -23.80 6.88
N SER A 436 12.63 -23.72 7.53
CA SER A 436 13.22 -24.86 8.22
C SER A 436 12.87 -24.88 9.70
N GLY A 437 11.92 -24.04 10.12
CA GLY A 437 11.59 -23.98 11.54
C GLY A 437 11.13 -25.34 12.06
N ASP A 438 11.43 -25.58 13.34
CA ASP A 438 11.06 -26.83 14.00
C ASP A 438 9.57 -26.84 14.36
N SER A 439 9.08 -28.03 14.71
CA SER A 439 7.72 -28.19 15.16
C SER A 439 7.67 -28.18 16.68
N TYR A 440 6.66 -27.51 17.23
CA TYR A 440 6.49 -27.38 18.67
C TYR A 440 5.11 -26.79 18.92
N THR A 441 4.77 -26.63 20.19
CA THR A 441 3.46 -26.14 20.57
C THR A 441 3.65 -24.88 21.40
N LEU A 442 3.05 -23.78 20.95
CA LEU A 442 3.09 -22.51 21.66
C LEU A 442 1.87 -22.44 22.57
N SER A 443 2.11 -22.34 23.87
CA SER A 443 1.03 -22.09 24.84
C SER A 443 0.80 -20.59 24.91
N LEU A 444 -0.24 -20.14 24.24
CA LEU A 444 -0.52 -18.72 24.07
C LEU A 444 -1.56 -18.27 25.08
N SER A 445 -1.16 -17.35 25.97
CA SER A 445 -2.11 -16.69 26.85
C SER A 445 -2.44 -15.31 26.33
N GLY A 446 -3.58 -14.76 26.81
CA GLY A 446 -4.01 -13.44 26.45
C GLY A 446 -4.88 -13.36 25.21
N ALA A 447 -5.19 -14.49 24.61
CA ALA A 447 -6.01 -14.44 23.39
C ALA A 447 -7.44 -14.02 23.69
N GLY A 448 -7.92 -14.21 24.92
CA GLY A 448 -9.24 -13.75 25.30
C GLY A 448 -10.39 -14.62 24.87
N TYR A 449 -10.13 -15.84 24.41
CA TYR A 449 -11.18 -16.77 24.10
C TYR A 449 -11.60 -17.51 25.37
N THR A 450 -12.82 -18.03 25.36
CA THR A 450 -13.35 -18.77 26.49
C THR A 450 -12.83 -20.20 26.50
N ALA A 451 -12.51 -20.72 27.69
CA ALA A 451 -11.93 -22.05 27.81
C ALA A 451 -12.79 -23.07 27.08
N GLY A 452 -12.13 -24.06 26.48
CA GLY A 452 -12.80 -25.11 25.74
C GLY A 452 -13.41 -24.70 24.42
N GLN A 453 -13.48 -23.40 24.12
CA GLN A 453 -13.96 -22.95 22.82
C GLN A 453 -13.07 -23.53 21.72
N GLN A 454 -13.68 -23.76 20.57
CA GLN A 454 -12.97 -24.32 19.43
C GLN A 454 -12.64 -23.22 18.44
N LEU A 455 -11.40 -23.18 18.01
CA LEU A 455 -10.91 -22.19 17.06
C LEU A 455 -10.52 -22.86 15.76
N THR A 456 -10.72 -22.17 14.64
CA THR A 456 -10.23 -22.60 13.34
C THR A 456 -8.98 -21.79 12.97
N GLU A 457 -7.93 -22.51 12.58
CA GLU A 457 -6.71 -21.93 12.02
C GLU A 457 -6.97 -21.76 10.53
N VAL A 458 -7.21 -20.52 10.08
CA VAL A 458 -7.84 -20.31 8.79
C VAL A 458 -6.84 -20.27 7.65
N ILE A 459 -5.55 -20.34 7.93
CA ILE A 459 -4.57 -20.43 6.86
C ILE A 459 -4.42 -21.87 6.39
N GLY A 460 -4.18 -22.78 7.34
CA GLY A 460 -4.02 -24.19 7.04
C GLY A 460 -5.27 -25.04 7.23
N CYS A 461 -6.31 -24.45 7.81
CA CYS A 461 -7.62 -25.08 7.98
C CYS A 461 -7.56 -26.31 8.91
N THR A 462 -7.08 -26.09 10.11
CA THR A 462 -7.16 -27.05 11.21
C THR A 462 -8.00 -26.43 12.33
N THR A 463 -8.26 -27.20 13.39
CA THR A 463 -8.95 -26.68 14.55
C THR A 463 -8.11 -26.93 15.80
N VAL A 464 -8.18 -25.98 16.72
CA VAL A 464 -7.55 -26.11 18.02
C VAL A 464 -8.60 -25.69 19.04
N THR A 465 -8.42 -26.18 20.27
CA THR A 465 -9.36 -25.96 21.36
C THR A 465 -8.65 -25.24 22.49
N VAL A 466 -9.28 -24.18 23.00
CA VAL A 466 -8.71 -23.43 24.11
C VAL A 466 -8.73 -24.30 25.36
N GLY A 467 -7.57 -24.46 25.98
CA GLY A 467 -7.47 -25.24 27.20
C GLY A 467 -8.33 -24.70 28.31
N SER A 468 -8.41 -25.48 29.39
CA SER A 468 -9.19 -25.05 30.55
CA SER A 468 -9.20 -25.04 30.54
C SER A 468 -8.55 -23.84 31.22
N ASP A 469 -7.20 -23.80 31.25
CA ASP A 469 -6.47 -22.67 31.80
C ASP A 469 -6.66 -21.39 30.99
N GLY A 470 -7.33 -21.47 29.83
CA GLY A 470 -7.55 -20.33 28.98
C GLY A 470 -6.49 -20.11 27.92
N ASN A 471 -5.39 -20.85 27.97
CA ASN A 471 -4.34 -20.73 26.98
C ASN A 471 -4.72 -21.51 25.73
N VAL A 472 -4.13 -21.11 24.60
CA VAL A 472 -4.32 -21.79 23.33
C VAL A 472 -3.04 -22.56 23.03
N PRO A 473 -3.11 -23.89 22.88
CA PRO A 473 -1.92 -24.65 22.48
C PRO A 473 -1.73 -24.59 20.96
N VAL A 474 -0.92 -23.65 20.48
CA VAL A 474 -0.84 -23.37 19.04
C VAL A 474 0.24 -24.29 18.45
N PRO A 475 -0.13 -25.20 17.54
CA PRO A 475 0.92 -26.02 16.90
C PRO A 475 1.68 -25.17 15.91
N MET A 476 2.98 -25.06 16.13
CA MET A 476 3.89 -24.31 15.27
C MET A 476 4.71 -25.30 14.45
N ALA A 477 4.98 -24.96 13.19
CA ALA A 477 5.71 -25.83 12.28
C ALA A 477 6.03 -25.08 11.00
N GLY A 478 7.18 -25.39 10.42
CA GLY A 478 7.55 -24.83 9.13
C GLY A 478 7.64 -23.32 9.08
N GLY A 479 7.80 -22.67 10.24
CA GLY A 479 7.77 -21.21 10.30
C GLY A 479 6.49 -20.61 9.79
N LEU A 480 5.41 -21.36 9.80
CA LEU A 480 4.21 -20.91 9.13
C LEU A 480 3.42 -19.93 10.00
N PRO A 481 2.73 -18.97 9.39
CA PRO A 481 1.84 -18.10 10.16
C PRO A 481 0.56 -18.83 10.51
N ARG A 482 0.01 -18.49 11.68
CA ARG A 482 -1.23 -19.08 12.18
C ARG A 482 -2.23 -17.97 12.47
N VAL A 483 -3.45 -18.13 11.97
CA VAL A 483 -4.50 -17.12 12.13
C VAL A 483 -5.73 -17.82 12.69
N LEU A 484 -6.11 -17.46 13.92
CA LEU A 484 -7.20 -18.09 14.65
C LEU A 484 -8.47 -17.26 14.70
N TYR A 485 -9.62 -17.93 14.60
CA TYR A 485 -10.96 -17.34 14.63
C TYR A 485 -11.94 -18.39 15.14
N PRO A 486 -12.99 -17.97 15.87
CA PRO A 486 -13.87 -18.98 16.50
C PRO A 486 -14.62 -19.80 15.45
N THR A 487 -14.57 -21.12 15.59
CA THR A 487 -15.16 -22.01 14.59
C THR A 487 -16.64 -21.72 14.42
N GLU A 488 -17.38 -21.54 15.54
CA GLU A 488 -18.82 -21.30 15.47
C GLU A 488 -19.15 -20.10 14.59
N LYS A 489 -18.29 -19.08 14.59
CA LYS A 489 -18.55 -17.88 13.81
C LYS A 489 -18.36 -18.09 12.32
N LEU A 490 -17.67 -19.16 11.92
CA LEU A 490 -17.48 -19.45 10.50
C LEU A 490 -18.66 -20.18 9.90
N ALA A 491 -19.64 -20.57 10.70
CA ALA A 491 -20.80 -21.29 10.19
C ALA A 491 -21.38 -20.60 8.97
N GLY A 492 -21.48 -21.35 7.87
CA GLY A 492 -22.04 -20.83 6.65
C GLY A 492 -21.09 -20.07 5.76
N SER A 493 -19.85 -19.83 6.20
CA SER A 493 -18.86 -19.17 5.37
C SER A 493 -18.19 -20.19 4.46
N LYS A 494 -17.53 -19.68 3.43
CA LYS A 494 -16.74 -20.49 2.53
C LYS A 494 -15.35 -20.81 3.09
N ILE A 495 -15.05 -20.33 4.29
CA ILE A 495 -13.69 -20.42 4.84
C ILE A 495 -13.50 -21.81 5.43
N CYS A 496 -12.52 -22.55 4.92
CA CYS A 496 -12.20 -23.88 5.41
C CYS A 496 -13.42 -24.79 5.30
N SER A 497 -13.85 -25.01 4.05
CA SER A 497 -14.99 -25.88 3.75
C SER A 497 -16.24 -25.28 4.36
#